data_6WGN
#
_entry.id   6WGN
#
_cell.length_a   72.437
_cell.length_b   79.155
_cell.length_c   90.982
_cell.angle_alpha   90.000
_cell.angle_beta   90.000
_cell.angle_gamma   90.000
#
_symmetry.space_group_name_H-M   'P 21 21 21'
#
loop_
_entity.id
_entity.type
_entity.pdbx_description
1 polymer 'GTPase KRas'
2 polymer 'Cyclic Peptide KD2'
3 non-polymer 'PHOSPHOAMINOPHOSPHONIC ACID-GUANYLATE ESTER'
4 non-polymer 'MAGNESIUM ION'
5 water water
#
loop_
_entity_poly.entity_id
_entity_poly.type
_entity_poly.pdbx_seq_one_letter_code
_entity_poly.pdbx_strand_id
1 'polypeptide(L)'
;MTEYKLVVVGADGVGKSALTIQLIQNHFVDEYDPTIEDSYRKQVVIDGETSLLDILDTAGQEEYSAMRDQYMRTGEGFLL
VFAINNTKSFEDIHHYREQIKRVKDSEDVPMVLVGNKSDLPSRTVDTKQAQDLARSYGIPFIETSAKTRQGVDDAFYTLV
REIRKHKEK
;
A,B,C
2 'polypeptide(L)' G(DTY)FVNFRNFRTFRCG E,F,G
#
# COMPACT_ATOMS: atom_id res chain seq x y z
N MET A 1 -1.63 -21.94 -5.68
CA MET A 1 -2.47 -20.87 -5.16
C MET A 1 -3.17 -21.32 -3.88
N THR A 2 -3.08 -20.51 -2.83
CA THR A 2 -3.76 -20.75 -1.57
C THR A 2 -4.97 -19.84 -1.49
N GLU A 3 -6.12 -20.40 -1.17
CA GLU A 3 -7.36 -19.63 -1.08
C GLU A 3 -7.69 -19.33 0.37
N TYR A 4 -8.07 -18.08 0.62
CA TYR A 4 -8.46 -17.63 1.96
C TYR A 4 -9.90 -17.17 1.94
N LYS A 5 -10.76 -17.83 2.72
CA LYS A 5 -12.16 -17.46 2.82
C LYS A 5 -12.32 -16.47 3.97
N LEU A 6 -12.56 -15.22 3.61
CA LEU A 6 -12.63 -14.12 4.58
C LEU A 6 -14.06 -13.63 4.65
N VAL A 7 -14.50 -13.30 5.85
CA VAL A 7 -15.87 -12.84 6.07
C VAL A 7 -15.80 -11.48 6.75
N VAL A 8 -16.50 -10.51 6.19
CA VAL A 8 -16.52 -9.15 6.72
C VAL A 8 -17.85 -8.94 7.43
N VAL A 9 -17.79 -8.62 8.73
CA VAL A 9 -19.00 -8.45 9.54
C VAL A 9 -18.92 -7.15 10.33
N GLY A 10 -20.06 -6.75 10.85
CA GLY A 10 -20.14 -5.55 11.67
C GLY A 10 -21.50 -4.89 11.49
N ALA A 11 -21.75 -3.89 12.33
CA ALA A 11 -23.06 -3.25 12.37
C ALA A 11 -23.39 -2.50 11.06
N ASP A 12 -24.66 -2.08 10.96
CA ASP A 12 -25.14 -1.42 9.75
C ASP A 12 -24.29 -0.19 9.41
N GLY A 13 -23.85 -0.12 8.15
CA GLY A 13 -23.30 1.10 7.61
C GLY A 13 -21.87 1.41 7.97
N VAL A 14 -21.13 0.48 8.56
CA VAL A 14 -19.77 0.79 9.00
C VAL A 14 -18.77 0.77 7.86
N GLY A 15 -19.16 0.29 6.69
CA GLY A 15 -18.28 0.22 5.55
C GLY A 15 -17.84 -1.18 5.17
N LYS A 16 -18.62 -2.21 5.53
CA LYS A 16 -18.28 -3.57 5.15
C LYS A 16 -18.17 -3.70 3.66
N SER A 17 -19.20 -3.25 2.94
CA SER A 17 -19.19 -3.35 1.49
C SER A 17 -18.11 -2.46 0.91
N ALA A 18 -17.97 -1.23 1.45
CA ALA A 18 -16.99 -0.30 0.90
C ALA A 18 -15.58 -0.83 1.05
N LEU A 19 -15.27 -1.47 2.18
CA LEU A 19 -13.94 -2.05 2.35
C LEU A 19 -13.71 -3.17 1.35
N THR A 20 -14.71 -4.03 1.16
CA THR A 20 -14.55 -5.17 0.25
C THR A 20 -14.39 -4.69 -1.19
N ILE A 21 -15.21 -3.72 -1.60
CA ILE A 21 -15.19 -3.24 -2.97
C ILE A 21 -13.92 -2.44 -3.24
N GLN A 22 -13.43 -1.71 -2.25
CA GLN A 22 -12.14 -1.04 -2.40
C GLN A 22 -11.02 -2.07 -2.59
N LEU A 23 -10.97 -3.09 -1.74
CA LEU A 23 -9.93 -4.10 -1.83
C LEU A 23 -9.96 -4.80 -3.17
N ILE A 24 -11.14 -5.24 -3.61
CA ILE A 24 -11.26 -6.13 -4.76
C ILE A 24 -11.38 -5.36 -6.07
N GLN A 25 -12.17 -4.28 -6.10
CA GLN A 25 -12.47 -3.58 -7.34
C GLN A 25 -11.85 -2.19 -7.43
N ASN A 26 -11.14 -1.75 -6.39
CA ASN A 26 -10.38 -0.51 -6.45
C ASN A 26 -11.29 0.69 -6.71
N HIS A 27 -12.43 0.70 -6.04
CA HIS A 27 -13.51 1.63 -6.31
C HIS A 27 -14.12 1.98 -4.96
N PHE A 28 -14.38 3.26 -4.72
CA PHE A 28 -15.03 3.65 -3.47
C PHE A 28 -16.46 4.07 -3.76
N VAL A 29 -17.39 3.43 -3.06
CA VAL A 29 -18.81 3.68 -3.20
C VAL A 29 -19.19 4.76 -2.20
N ASP A 30 -19.44 5.98 -2.71
CA ASP A 30 -19.95 7.05 -1.87
C ASP A 30 -21.46 7.01 -1.72
N GLU A 31 -22.16 6.51 -2.74
CA GLU A 31 -23.53 6.05 -2.59
C GLU A 31 -23.63 5.15 -1.36
N TYR A 32 -24.80 5.13 -0.72
CA TYR A 32 -25.11 4.04 0.21
C TYR A 32 -25.89 3.01 -0.59
N ASP A 33 -25.19 1.94 -0.99
CA ASP A 33 -25.77 0.87 -1.81
C ASP A 33 -25.79 -0.43 -1.01
N PRO A 34 -26.92 -0.78 -0.39
CA PRO A 34 -27.04 -2.07 0.32
C PRO A 34 -27.24 -3.22 -0.66
N ASP A 38 -22.90 -9.77 -0.94
CA ASP A 38 -22.31 -10.47 -2.07
C ASP A 38 -20.99 -11.17 -1.72
N SER A 39 -20.25 -11.53 -2.76
CA SER A 39 -18.98 -12.23 -2.66
C SER A 39 -18.02 -11.70 -3.72
N TYR A 40 -16.75 -11.56 -3.35
CA TYR A 40 -15.74 -10.93 -4.18
C TYR A 40 -14.44 -11.71 -4.07
N ARG A 41 -13.70 -11.79 -5.17
CA ARG A 41 -12.45 -12.54 -5.20
C ARG A 41 -11.38 -11.77 -5.95
N LYS A 42 -10.14 -11.91 -5.48
CA LYS A 42 -8.99 -11.35 -6.17
C LYS A 42 -7.77 -12.22 -5.89
N GLN A 43 -6.96 -12.43 -6.92
CA GLN A 43 -5.68 -13.11 -6.75
C GLN A 43 -4.61 -12.06 -6.46
N VAL A 44 -3.83 -12.29 -5.40
CA VAL A 44 -2.78 -11.39 -4.97
C VAL A 44 -1.62 -12.22 -4.42
N VAL A 45 -0.45 -11.60 -4.35
CA VAL A 45 0.71 -12.24 -3.73
C VAL A 45 0.89 -11.63 -2.35
N ILE A 46 0.83 -12.48 -1.33
CA ILE A 46 0.98 -12.06 0.07
C ILE A 46 2.16 -12.82 0.65
N ASP A 47 3.25 -12.10 0.93
CA ASP A 47 4.46 -12.69 1.51
C ASP A 47 5.01 -13.82 0.64
N GLY A 48 5.01 -13.59 -0.66
CA GLY A 48 5.54 -14.53 -1.61
C GLY A 48 4.60 -15.66 -1.98
N GLU A 49 3.43 -15.73 -1.36
CA GLU A 49 2.47 -16.78 -1.63
C GLU A 49 1.39 -16.25 -2.57
N THR A 50 1.20 -16.95 -3.69
CA THR A 50 0.07 -16.62 -4.55
C THR A 50 -1.21 -16.98 -3.82
N SER A 51 -2.01 -15.97 -3.52
CA SER A 51 -3.17 -16.10 -2.64
C SER A 51 -4.42 -15.66 -3.37
N LEU A 52 -5.52 -16.36 -3.13
CA LEU A 52 -6.83 -15.91 -3.56
C LEU A 52 -7.60 -15.46 -2.34
N LEU A 53 -7.93 -14.17 -2.29
CA LEU A 53 -8.82 -13.63 -1.28
C LEU A 53 -10.24 -13.84 -1.76
N ASP A 54 -11.00 -14.62 -1.01
CA ASP A 54 -12.40 -14.95 -1.32
C ASP A 54 -13.23 -14.30 -0.22
N ILE A 55 -13.85 -13.15 -0.51
CA ILE A 55 -14.45 -12.32 0.53
C ILE A 55 -15.97 -12.47 0.51
N LEU A 56 -16.54 -12.76 1.68
CA LEU A 56 -17.99 -12.74 1.85
C LEU A 56 -18.38 -11.46 2.58
N ASP A 57 -19.18 -10.64 1.92
CA ASP A 57 -19.60 -9.34 2.44
C ASP A 57 -20.99 -9.47 3.05
N THR A 58 -21.08 -9.45 4.37
CA THR A 58 -22.34 -9.77 5.03
C THR A 58 -23.13 -8.52 5.36
N ALA A 59 -24.40 -8.72 5.71
CA ALA A 59 -25.24 -7.62 6.12
C ALA A 59 -26.31 -8.14 7.07
N GLY A 60 -26.95 -7.20 7.78
CA GLY A 60 -27.94 -7.58 8.77
C GLY A 60 -29.30 -7.87 8.20
N GLN A 61 -29.56 -7.39 6.99
CA GLN A 61 -30.76 -7.71 6.23
C GLN A 61 -30.31 -8.35 4.93
N GLU A 62 -30.61 -9.63 4.78
CA GLU A 62 -30.31 -10.37 3.56
C GLU A 62 -31.39 -11.41 3.37
N GLU A 63 -31.65 -11.75 2.10
CA GLU A 63 -32.61 -12.80 1.81
C GLU A 63 -32.04 -14.16 2.24
N TYR A 64 -32.94 -15.07 2.61
CA TYR A 64 -32.51 -16.40 3.03
C TYR A 64 -31.72 -17.08 1.91
N SER A 65 -30.61 -17.70 2.30
CA SER A 65 -29.79 -18.43 1.34
C SER A 65 -29.03 -19.51 2.11
N ALA A 66 -29.42 -20.77 1.90
CA ALA A 66 -28.72 -21.85 2.58
C ALA A 66 -27.25 -21.88 2.20
N MET A 67 -26.93 -21.62 0.93
CA MET A 67 -25.54 -21.61 0.51
C MET A 67 -24.75 -20.50 1.21
N ARG A 68 -25.36 -19.33 1.40
CA ARG A 68 -24.65 -18.26 2.09
C ARG A 68 -24.37 -18.64 3.54
N ASP A 69 -25.31 -19.33 4.18
CA ASP A 69 -25.06 -19.87 5.51
C ASP A 69 -23.91 -20.86 5.50
N GLN A 70 -23.78 -21.64 4.42
CA GLN A 70 -22.66 -22.56 4.30
C GLN A 70 -21.35 -21.80 4.15
N TYR A 71 -21.36 -20.73 3.36
CA TYR A 71 -20.20 -19.86 3.22
C TYR A 71 -19.74 -19.34 4.57
N MET A 72 -20.70 -18.90 5.40
CA MET A 72 -20.37 -18.33 6.69
C MET A 72 -19.69 -19.34 7.61
N ARG A 73 -20.23 -20.55 7.66
CA ARG A 73 -19.72 -21.58 8.56
C ARG A 73 -18.32 -22.04 8.15
N THR A 74 -17.97 -21.92 6.87
CA THR A 74 -16.65 -22.30 6.39
C THR A 74 -15.70 -21.11 6.33
N GLY A 75 -16.12 -19.92 6.76
CA GLY A 75 -15.20 -18.79 6.76
C GLY A 75 -13.99 -19.08 7.62
N GLU A 76 -12.82 -18.66 7.14
CA GLU A 76 -11.57 -18.96 7.84
C GLU A 76 -11.10 -17.83 8.72
N GLY A 77 -11.48 -16.60 8.39
CA GLY A 77 -11.16 -15.48 9.24
C GLY A 77 -12.18 -14.39 9.04
N PHE A 78 -12.35 -13.57 10.06
CA PHE A 78 -13.38 -12.54 10.04
C PHE A 78 -12.78 -11.19 10.32
N LEU A 79 -13.22 -10.19 9.54
CA LEU A 79 -12.95 -8.79 9.87
C LEU A 79 -14.13 -8.29 10.68
N LEU A 80 -13.87 -7.82 11.91
CA LEU A 80 -14.88 -7.23 12.78
C LEU A 80 -14.79 -5.74 12.59
N VAL A 81 -15.75 -5.16 11.84
CA VAL A 81 -15.68 -3.77 11.42
C VAL A 81 -16.61 -2.91 12.26
N PHE A 82 -16.07 -1.82 12.80
CA PHE A 82 -16.85 -0.70 13.31
C PHE A 82 -16.37 0.55 12.57
N ALA A 83 -17.11 1.64 12.72
CA ALA A 83 -16.68 2.92 12.18
C ALA A 83 -16.25 3.84 13.30
N ILE A 84 -15.15 4.57 13.09
CA ILE A 84 -14.59 5.36 14.18
C ILE A 84 -15.44 6.56 14.55
N ASN A 85 -16.41 6.92 13.72
CA ASN A 85 -17.41 7.93 14.05
C ASN A 85 -18.76 7.31 14.38
N ASN A 86 -18.77 6.09 14.90
CA ASN A 86 -20.04 5.41 15.16
C ASN A 86 -19.85 4.62 16.45
N THR A 87 -20.12 5.29 17.58
CA THR A 87 -19.90 4.66 18.86
C THR A 87 -20.76 3.42 19.01
N LYS A 88 -21.99 3.46 18.49
CA LYS A 88 -22.86 2.28 18.58
C LYS A 88 -22.25 1.08 17.89
N SER A 89 -21.66 1.29 16.71
CA SER A 89 -21.04 0.18 15.98
C SER A 89 -19.88 -0.42 16.75
N PHE A 90 -19.16 0.40 17.51
CA PHE A 90 -18.08 -0.10 18.36
C PHE A 90 -18.64 -0.91 19.52
N GLU A 91 -19.68 -0.39 20.18
CA GLU A 91 -20.35 -1.12 21.25
C GLU A 91 -20.85 -2.46 20.77
N ASP A 92 -21.28 -2.54 19.51
CA ASP A 92 -21.87 -3.76 18.97
C ASP A 92 -20.83 -4.80 18.57
N ILE A 93 -19.53 -4.44 18.51
CA ILE A 93 -18.50 -5.43 18.16
C ILE A 93 -18.61 -6.68 19.01
N HIS A 94 -18.86 -6.53 20.32
CA HIS A 94 -18.90 -7.70 21.19
C HIS A 94 -19.96 -8.69 20.75
N HIS A 95 -21.11 -8.19 20.28
CA HIS A 95 -22.14 -9.08 19.75
C HIS A 95 -21.63 -9.85 18.55
N TYR A 96 -20.92 -9.16 17.65
CA TYR A 96 -20.41 -9.83 16.45
C TYR A 96 -19.37 -10.87 16.81
N ARG A 97 -18.49 -10.56 17.77
CA ARG A 97 -17.48 -11.53 18.15
C ARG A 97 -18.12 -12.79 18.72
N GLU A 98 -19.12 -12.64 19.59
CA GLU A 98 -19.79 -13.81 20.12
C GLU A 98 -20.49 -14.58 19.01
N GLN A 99 -21.07 -13.86 18.04
CA GLN A 99 -21.82 -14.53 17.00
C GLN A 99 -20.89 -15.29 16.06
N ILE A 100 -19.69 -14.77 15.82
CA ILE A 100 -18.72 -15.53 15.02
C ILE A 100 -18.42 -16.86 15.68
N LYS A 101 -18.26 -16.85 17.00
CA LYS A 101 -17.98 -18.10 17.71
C LYS A 101 -19.14 -19.07 17.59
N ARG A 102 -20.38 -18.57 17.57
CA ARG A 102 -21.54 -19.42 17.37
C ARG A 102 -21.59 -19.98 15.96
N VAL A 103 -21.42 -19.10 14.95
CA VAL A 103 -21.46 -19.50 13.55
C VAL A 103 -20.38 -20.52 13.24
N LYS A 104 -19.22 -20.38 13.89
CA LYS A 104 -18.09 -21.27 13.66
C LYS A 104 -18.04 -22.42 14.65
N ASP A 105 -18.90 -22.43 15.67
CA ASP A 105 -18.86 -23.43 16.73
C ASP A 105 -17.44 -23.57 17.29
N SER A 106 -16.79 -22.43 17.54
CA SER A 106 -15.40 -22.46 17.97
C SER A 106 -15.08 -21.24 18.81
N GLU A 107 -14.23 -21.45 19.81
CA GLU A 107 -13.76 -20.39 20.68
C GLU A 107 -12.55 -19.66 20.13
N ASP A 108 -11.87 -20.22 19.12
CA ASP A 108 -10.65 -19.64 18.58
C ASP A 108 -10.81 -19.52 17.08
N VAL A 109 -11.23 -18.35 16.62
CA VAL A 109 -11.45 -18.05 15.21
C VAL A 109 -10.56 -16.87 14.86
N PRO A 110 -9.81 -16.91 13.76
CA PRO A 110 -9.01 -15.74 13.35
C PRO A 110 -9.89 -14.55 13.07
N MET A 111 -9.51 -13.42 13.67
CA MET A 111 -10.29 -12.19 13.65
C MET A 111 -9.35 -11.01 13.66
N VAL A 112 -9.75 -9.93 12.99
CA VAL A 112 -9.07 -8.65 13.07
C VAL A 112 -10.12 -7.58 13.36
N LEU A 113 -9.85 -6.72 14.34
CA LEU A 113 -10.72 -5.59 14.62
C LEU A 113 -10.35 -4.42 13.72
N VAL A 114 -11.32 -3.89 12.99
CA VAL A 114 -11.09 -2.85 11.99
C VAL A 114 -11.92 -1.64 12.35
N GLY A 115 -11.24 -0.50 12.56
CA GLY A 115 -11.95 0.76 12.74
C GLY A 115 -11.93 1.54 11.45
N ASN A 116 -13.05 1.56 10.75
CA ASN A 116 -13.15 2.13 9.41
C ASN A 116 -13.56 3.61 9.48
N LYS A 117 -13.49 4.26 8.32
CA LYS A 117 -13.82 5.68 8.13
C LYS A 117 -12.81 6.57 8.86
N SER A 118 -11.55 6.14 8.89
CA SER A 118 -10.51 6.91 9.56
C SER A 118 -10.27 8.26 8.90
N ASP A 119 -10.80 8.49 7.70
CA ASP A 119 -10.66 9.78 7.04
C ASP A 119 -11.55 10.86 7.66
N LEU A 120 -12.55 10.48 8.45
CA LEU A 120 -13.56 11.39 8.97
C LEU A 120 -13.04 12.10 10.22
N PRO A 121 -13.24 13.41 10.32
CA PRO A 121 -12.75 14.14 11.49
C PRO A 121 -13.66 14.03 12.70
N SER A 122 -14.89 13.58 12.52
CA SER A 122 -15.87 13.49 13.60
C SER A 122 -15.73 12.20 14.39
N ARG A 123 -14.48 11.84 14.69
CA ARG A 123 -14.16 10.65 15.44
C ARG A 123 -14.78 10.67 16.84
N THR A 124 -15.35 9.54 17.23
CA THR A 124 -15.83 9.38 18.59
C THR A 124 -15.30 8.15 19.29
N VAL A 125 -14.63 7.25 18.57
CA VAL A 125 -14.00 6.10 19.18
C VAL A 125 -12.50 6.33 19.14
N ASP A 126 -11.89 6.48 20.31
CA ASP A 126 -10.45 6.72 20.40
C ASP A 126 -9.68 5.46 20.04
N THR A 127 -8.50 5.65 19.43
CA THR A 127 -7.65 4.50 19.15
C THR A 127 -7.37 3.68 20.41
N LYS A 128 -7.24 4.34 21.56
CA LYS A 128 -6.94 3.59 22.78
C LYS A 128 -8.11 2.70 23.20
N GLN A 129 -9.34 3.18 23.06
CA GLN A 129 -10.52 2.35 23.29
C GLN A 129 -10.47 1.11 22.41
N ALA A 130 -10.20 1.31 21.12
CA ALA A 130 -10.20 0.18 20.21
C ALA A 130 -9.03 -0.74 20.50
N GLN A 131 -7.87 -0.19 20.84
CA GLN A 131 -6.74 -1.02 21.23
C GLN A 131 -7.06 -1.86 22.46
N ASP A 132 -7.73 -1.26 23.45
CA ASP A 132 -8.11 -1.99 24.66
C ASP A 132 -9.04 -3.15 24.33
N LEU A 133 -10.03 -2.92 23.47
CA LEU A 133 -10.95 -3.99 23.07
C LEU A 133 -10.20 -5.09 22.35
N ALA A 134 -9.37 -4.73 21.38
CA ALA A 134 -8.63 -5.74 20.63
C ALA A 134 -7.71 -6.54 21.55
N ARG A 135 -7.06 -5.87 22.50
CA ARG A 135 -6.20 -6.56 23.46
C ARG A 135 -7.00 -7.55 24.31
N SER A 136 -8.20 -7.16 24.75
CA SER A 136 -9.04 -8.09 25.50
C SER A 136 -9.37 -9.33 24.69
N TYR A 137 -9.55 -9.19 23.39
CA TYR A 137 -9.85 -10.31 22.51
C TYR A 137 -8.60 -11.06 22.03
N GLY A 138 -7.43 -10.47 22.23
CA GLY A 138 -6.20 -11.06 21.73
C GLY A 138 -6.07 -10.99 20.22
N ILE A 139 -6.56 -9.91 19.60
CA ILE A 139 -6.52 -9.80 18.14
C ILE A 139 -5.92 -8.46 17.76
N PRO A 140 -5.45 -8.33 16.53
CA PRO A 140 -4.95 -7.03 16.06
C PRO A 140 -6.06 -6.02 15.85
N PHE A 141 -5.71 -4.75 15.98
CA PHE A 141 -6.59 -3.64 15.63
C PHE A 141 -5.93 -2.80 14.56
N ILE A 142 -6.67 -2.49 13.49
CA ILE A 142 -6.18 -1.72 12.36
C ILE A 142 -7.24 -0.68 12.00
N GLU A 143 -6.80 0.56 11.80
CA GLU A 143 -7.70 1.59 11.30
C GLU A 143 -7.61 1.65 9.77
N THR A 144 -8.76 1.85 9.14
CA THR A 144 -8.85 1.88 7.69
C THR A 144 -9.69 3.05 7.24
N SER A 145 -9.49 3.42 5.99
CA SER A 145 -10.47 4.23 5.28
C SER A 145 -10.71 3.57 3.94
N ALA A 146 -11.94 3.09 3.72
CA ALA A 146 -12.30 2.61 2.40
C ALA A 146 -12.27 3.74 1.38
N LYS A 147 -12.41 4.98 1.84
CA LYS A 147 -12.44 6.12 0.93
C LYS A 147 -11.06 6.44 0.38
N THR A 148 -10.05 6.57 1.24
CA THR A 148 -8.69 6.93 0.84
C THR A 148 -7.80 5.71 0.58
N ARG A 149 -8.29 4.52 0.94
CA ARG A 149 -7.61 3.24 0.84
C ARG A 149 -6.61 3.06 1.98
N GLN A 150 -6.45 4.04 2.87
CA GLN A 150 -5.50 3.87 3.96
C GLN A 150 -5.84 2.63 4.78
N GLY A 151 -4.85 1.76 4.97
CA GLY A 151 -5.04 0.58 5.80
C GLY A 151 -5.83 -0.55 5.20
N VAL A 152 -6.40 -0.41 4.00
CA VAL A 152 -7.34 -1.43 3.53
C VAL A 152 -6.63 -2.74 3.23
N ASP A 153 -5.58 -2.70 2.40
CA ASP A 153 -4.78 -3.89 2.17
C ASP A 153 -4.22 -4.45 3.47
N ASP A 154 -3.75 -3.56 4.35
CA ASP A 154 -3.17 -4.01 5.62
C ASP A 154 -4.18 -4.79 6.45
N ALA A 155 -5.46 -4.35 6.45
CA ALA A 155 -6.44 -5.05 7.27
C ALA A 155 -6.68 -6.46 6.75
N PHE A 156 -6.85 -6.60 5.44
CA PHE A 156 -7.13 -7.92 4.91
C PHE A 156 -5.88 -8.81 4.95
N TYR A 157 -4.71 -8.23 4.69
CA TYR A 157 -3.49 -9.04 4.75
C TYR A 157 -3.16 -9.43 6.18
N THR A 158 -3.48 -8.57 7.15
CA THR A 158 -3.29 -8.95 8.54
C THR A 158 -4.21 -10.11 8.90
N LEU A 159 -5.42 -10.12 8.36
CA LEU A 159 -6.32 -11.24 8.63
C LEU A 159 -5.77 -12.53 8.02
N VAL A 160 -5.24 -12.44 6.80
CA VAL A 160 -4.60 -13.59 6.18
C VAL A 160 -3.47 -14.10 7.07
N ARG A 161 -2.69 -13.18 7.63
CA ARG A 161 -1.58 -13.60 8.48
C ARG A 161 -2.08 -14.19 9.79
N GLU A 162 -3.23 -13.71 10.29
CA GLU A 162 -3.84 -14.33 11.47
C GLU A 162 -4.33 -15.74 11.15
N ILE A 163 -4.88 -15.96 9.95
CA ILE A 163 -5.32 -17.30 9.57
C ILE A 163 -4.12 -18.23 9.53
N ARG A 164 -3.00 -17.76 8.96
CA ARG A 164 -1.80 -18.59 8.86
C ARG A 164 -1.23 -18.90 10.23
N LYS A 165 -1.37 -18.00 11.19
CA LYS A 165 -0.93 -18.29 12.56
C LYS A 165 -1.80 -19.37 13.20
N HIS A 166 -3.05 -19.46 12.78
CA HIS A 166 -4.02 -20.36 13.37
C HIS A 166 -3.97 -21.78 12.78
N LYS A 167 -3.63 -21.91 11.50
CA LYS A 167 -3.76 -23.20 10.82
C LYS A 167 -2.79 -23.24 9.65
N GLU A 168 -2.42 -24.45 9.27
CA GLU A 168 -1.56 -24.62 8.11
C GLU A 168 -2.38 -24.35 6.84
N LYS A 169 -1.86 -23.48 5.98
CA LYS A 169 -2.51 -23.17 4.72
C LYS A 169 -1.63 -23.63 3.56
N THR B 2 3.00 8.10 22.53
CA THR B 2 3.24 6.71 22.89
C THR B 2 4.51 6.15 22.25
N GLU B 3 5.44 5.68 23.09
CA GLU B 3 6.72 5.21 22.61
C GLU B 3 6.73 3.69 22.47
N TYR B 4 7.35 3.21 21.39
CA TYR B 4 7.56 1.79 21.17
C TYR B 4 9.05 1.54 20.97
N LYS B 5 9.64 0.72 21.83
CA LYS B 5 11.06 0.38 21.73
C LYS B 5 11.18 -0.94 20.98
N LEU B 6 11.67 -0.86 19.75
CA LEU B 6 11.76 -2.01 18.86
C LEU B 6 13.21 -2.40 18.70
N VAL B 7 13.45 -3.71 18.52
CA VAL B 7 14.80 -4.23 18.35
C VAL B 7 14.80 -5.12 17.12
N VAL B 8 15.76 -4.90 16.24
CA VAL B 8 15.90 -5.67 15.00
C VAL B 8 17.07 -6.62 15.16
N VAL B 9 16.81 -7.93 15.05
CA VAL B 9 17.83 -8.96 15.23
C VAL B 9 17.80 -9.94 14.06
N GLY B 10 18.87 -10.70 13.93
CA GLY B 10 18.99 -11.70 12.89
C GLY B 10 20.44 -11.87 12.49
N ALA B 11 20.68 -12.92 11.71
CA ALA B 11 22.02 -13.32 11.32
C ALA B 11 22.73 -12.25 10.49
N ASP B 12 24.04 -12.42 10.35
CA ASP B 12 24.84 -11.48 9.57
C ASP B 12 24.27 -11.27 8.18
N GLY B 13 24.13 -10.00 7.81
CA GLY B 13 23.86 -9.62 6.43
C GLY B 13 22.44 -9.81 5.93
N VAL B 14 21.48 -10.07 6.82
CA VAL B 14 20.12 -10.34 6.36
C VAL B 14 19.38 -9.07 5.97
N GLY B 15 19.90 -7.90 6.33
CA GLY B 15 19.28 -6.65 6.00
C GLY B 15 18.71 -5.90 7.19
N LYS B 16 19.19 -6.18 8.40
CA LYS B 16 18.72 -5.46 9.59
C LYS B 16 18.88 -3.96 9.44
N SER B 17 20.07 -3.52 9.04
CA SER B 17 20.32 -2.08 8.90
C SER B 17 19.55 -1.50 7.72
N ALA B 18 19.51 -2.23 6.61
CA ALA B 18 18.78 -1.75 5.44
C ALA B 18 17.30 -1.57 5.75
N LEU B 19 16.71 -2.50 6.48
CA LEU B 19 15.30 -2.36 6.84
C LEU B 19 15.09 -1.16 7.74
N THR B 20 15.97 -0.97 8.72
CA THR B 20 15.84 0.15 9.64
C THR B 20 15.99 1.48 8.90
N ILE B 21 17.00 1.57 8.04
CA ILE B 21 17.24 2.81 7.29
C ILE B 21 16.09 3.08 6.34
N GLN B 22 15.56 2.05 5.69
CA GLN B 22 14.43 2.24 4.80
C GLN B 22 13.22 2.76 5.56
N LEU B 23 12.92 2.18 6.72
CA LEU B 23 11.80 2.66 7.52
C LEU B 23 12.00 4.12 7.92
N ILE B 24 13.18 4.43 8.44
CA ILE B 24 13.42 5.77 8.99
C ILE B 24 13.67 6.77 7.87
N GLN B 25 14.67 6.51 7.03
CA GLN B 25 15.19 7.52 6.11
C GLN B 25 14.66 7.36 4.68
N ASN B 26 13.88 6.32 4.41
CA ASN B 26 13.18 6.15 3.14
C ASN B 26 14.14 6.03 1.97
N HIS B 27 15.31 5.46 2.19
CA HIS B 27 16.21 5.20 1.08
C HIS B 27 16.91 3.87 1.31
N PHE B 28 17.49 3.37 0.22
CA PHE B 28 18.28 2.16 0.19
C PHE B 28 19.52 2.46 -0.62
N VAL B 29 20.68 2.10 -0.10
CA VAL B 29 21.93 2.15 -0.86
C VAL B 29 22.60 0.79 -0.75
N ASP B 30 22.92 0.20 -1.89
CA ASP B 30 23.53 -1.13 -1.95
C ASP B 30 24.92 -1.08 -1.32
N GLU B 31 25.05 -1.61 -0.11
CA GLU B 31 26.34 -1.65 0.55
C GLU B 31 26.73 -3.08 0.91
N GLU B 37 25.92 3.83 17.64
CA GLU B 37 25.71 3.16 18.92
C GLU B 37 24.28 3.37 19.41
N ASP B 38 23.72 4.53 19.06
CA ASP B 38 22.41 4.94 19.51
C ASP B 38 21.32 4.22 18.71
N SER B 39 20.08 4.36 19.18
CA SER B 39 18.93 3.88 18.44
C SER B 39 18.48 4.92 17.42
N TYR B 40 17.68 4.47 16.46
CA TYR B 40 17.03 5.33 15.47
C TYR B 40 15.63 5.68 15.95
N ARG B 41 15.23 6.92 15.79
CA ARG B 41 13.94 7.39 16.28
C ARG B 41 13.12 8.00 15.16
N LYS B 42 11.82 7.71 15.15
CA LYS B 42 10.93 8.34 14.19
C LYS B 42 9.51 8.33 14.75
N GLN B 43 8.80 9.45 14.55
CA GLN B 43 7.40 9.54 14.93
C GLN B 43 6.54 9.21 13.73
N VAL B 44 5.57 8.33 13.93
CA VAL B 44 4.61 7.95 12.90
C VAL B 44 3.24 7.89 13.55
N VAL B 45 2.20 8.10 12.75
CA VAL B 45 0.84 7.87 13.21
C VAL B 45 0.44 6.48 12.74
N ILE B 46 0.17 5.60 13.69
CA ILE B 46 -0.22 4.21 13.41
C ILE B 46 -1.60 4.01 14.02
N ASP B 47 -2.59 3.78 13.17
CA ASP B 47 -3.97 3.56 13.61
C ASP B 47 -4.46 4.73 14.46
N GLY B 48 -4.14 5.93 14.02
CA GLY B 48 -4.61 7.13 14.69
C GLY B 48 -3.83 7.53 15.92
N GLU B 49 -2.80 6.79 16.28
CA GLU B 49 -2.01 7.05 17.46
C GLU B 49 -0.64 7.56 17.04
N THR B 50 -0.25 8.70 17.57
CA THR B 50 1.10 9.20 17.34
C THR B 50 2.07 8.31 18.11
N SER B 51 2.90 7.60 17.38
CA SER B 51 3.78 6.59 17.93
C SER B 51 5.21 7.05 17.71
N LEU B 52 6.01 7.05 18.78
CA LEU B 52 7.44 7.31 18.67
C LEU B 52 8.10 5.95 18.62
N LEU B 53 8.65 5.60 17.46
CA LEU B 53 9.35 4.34 17.27
C LEU B 53 10.83 4.58 17.58
N ASP B 54 11.35 3.86 18.55
CA ASP B 54 12.77 3.84 18.86
C ASP B 54 13.28 2.48 18.42
N ILE B 55 14.19 2.46 17.46
CA ILE B 55 14.59 1.21 16.84
C ILE B 55 16.07 0.98 17.08
N LEU B 56 16.38 -0.14 17.72
CA LEU B 56 17.77 -0.56 17.94
C LEU B 56 18.13 -1.58 16.87
N ASP B 57 19.12 -1.24 16.06
CA ASP B 57 19.57 -2.08 14.95
C ASP B 57 20.81 -2.84 15.41
N THR B 58 20.64 -4.11 15.73
CA THR B 58 21.69 -4.90 16.38
C THR B 58 22.58 -5.56 15.35
N ALA B 59 23.75 -6.02 15.81
CA ALA B 59 24.69 -6.75 14.98
C ALA B 59 25.36 -7.81 15.85
N GLY B 60 26.02 -8.75 15.17
CA GLY B 60 26.73 -9.82 15.84
C GLY B 60 28.14 -9.50 16.21
N GLN B 61 28.69 -8.43 15.66
CA GLN B 61 30.00 -7.91 16.04
C GLN B 61 29.81 -6.44 16.37
N GLU B 62 29.86 -6.13 17.66
CA GLU B 62 29.61 -4.80 18.19
C GLU B 62 30.58 -4.54 19.31
N GLU B 63 31.03 -3.29 19.43
CA GLU B 63 31.78 -2.89 20.61
C GLU B 63 30.88 -2.97 21.83
N TYR B 64 31.49 -3.22 22.99
CA TYR B 64 30.73 -3.23 24.24
C TYR B 64 29.96 -1.91 24.39
N SER B 65 28.72 -2.00 24.85
CA SER B 65 27.93 -0.80 25.13
C SER B 65 26.94 -1.10 26.25
N ALA B 66 27.11 -0.45 27.40
CA ALA B 66 26.12 -0.56 28.46
C ALA B 66 24.78 -0.02 27.99
N MET B 67 24.79 1.07 27.23
CA MET B 67 23.55 1.65 26.72
C MET B 67 22.79 0.67 25.86
N ARG B 68 23.49 0.00 24.94
CA ARG B 68 22.81 -0.95 24.07
C ARG B 68 22.30 -2.16 24.85
N ASP B 69 23.05 -2.62 25.87
CA ASP B 69 22.55 -3.71 26.70
C ASP B 69 21.29 -3.29 27.43
N GLN B 70 21.26 -2.05 27.93
CA GLN B 70 20.06 -1.57 28.61
C GLN B 70 18.90 -1.48 27.63
N TYR B 71 19.16 -0.95 26.43
CA TYR B 71 18.09 -0.85 25.43
C TYR B 71 17.56 -2.22 25.04
N MET B 72 18.45 -3.21 24.92
CA MET B 72 17.99 -4.55 24.61
C MET B 72 17.09 -5.09 25.70
N ARG B 73 17.45 -4.86 26.97
CA ARG B 73 16.68 -5.44 28.06
C ARG B 73 15.27 -4.88 28.12
N THR B 74 15.12 -3.62 27.77
CA THR B 74 13.82 -2.96 27.83
C THR B 74 13.11 -2.93 26.49
N GLY B 75 13.67 -3.56 25.45
CA GLY B 75 13.01 -3.68 24.17
C GLY B 75 11.62 -4.26 24.29
N GLU B 76 10.65 -3.63 23.64
CA GLU B 76 9.27 -4.09 23.77
C GLU B 76 8.85 -5.05 22.67
N GLY B 77 9.51 -5.03 21.53
CA GLY B 77 9.17 -5.95 20.46
C GLY B 77 10.40 -6.16 19.62
N PHE B 78 10.48 -7.34 19.02
CA PHE B 78 11.65 -7.74 18.24
C PHE B 78 11.22 -8.16 16.84
N LEU B 79 11.95 -7.64 15.85
CA LEU B 79 11.88 -8.17 14.49
C LEU B 79 12.94 -9.27 14.39
N LEU B 80 12.52 -10.47 14.03
CA LEU B 80 13.42 -11.60 13.81
C LEU B 80 13.59 -11.67 12.31
N VAL B 81 14.75 -11.23 11.79
CA VAL B 81 14.96 -11.07 10.36
C VAL B 81 15.82 -12.21 9.85
N PHE B 82 15.37 -12.85 8.78
CA PHE B 82 16.22 -13.71 7.95
C PHE B 82 16.09 -13.21 6.53
N ALA B 83 16.92 -13.73 5.64
CA ALA B 83 16.83 -13.37 4.23
C ALA B 83 16.33 -14.56 3.44
N ILE B 84 15.40 -14.32 2.52
CA ILE B 84 14.76 -15.43 1.83
C ILE B 84 15.72 -16.14 0.89
N ASN B 85 16.89 -15.57 0.62
CA ASN B 85 17.91 -16.21 -0.18
C ASN B 85 19.07 -16.68 0.69
N ASN B 86 18.81 -16.94 1.96
CA ASN B 86 19.86 -17.32 2.89
C ASN B 86 19.26 -18.34 3.85
N THR B 87 19.35 -19.62 3.46
CA THR B 87 18.74 -20.67 4.26
C THR B 87 19.34 -20.73 5.65
N LYS B 88 20.67 -20.54 5.73
CA LYS B 88 21.31 -20.54 7.04
C LYS B 88 20.72 -19.48 7.96
N SER B 89 20.42 -18.28 7.42
CA SER B 89 19.84 -17.24 8.26
C SER B 89 18.47 -17.64 8.77
N PHE B 90 17.73 -18.42 7.99
CA PHE B 90 16.44 -18.91 8.42
C PHE B 90 16.61 -19.97 9.50
N GLU B 91 17.54 -20.91 9.30
CA GLU B 91 17.84 -21.92 10.31
C GLU B 91 18.27 -21.27 11.62
N ASP B 92 18.97 -20.14 11.53
CA ASP B 92 19.47 -19.46 12.71
C ASP B 92 18.39 -18.72 13.48
N ILE B 93 17.19 -18.57 12.91
CA ILE B 93 16.15 -17.81 13.59
C ILE B 93 15.86 -18.39 14.97
N HIS B 94 15.90 -19.72 15.09
CA HIS B 94 15.60 -20.32 16.38
C HIS B 94 16.60 -19.89 17.45
N HIS B 95 17.87 -19.74 17.08
CA HIS B 95 18.85 -19.22 18.03
C HIS B 95 18.45 -17.83 18.49
N TYR B 96 18.05 -16.98 17.55
CA TYR B 96 17.67 -15.62 17.90
C TYR B 96 16.44 -15.58 18.79
N ARG B 97 15.44 -16.41 18.48
CA ARG B 97 14.25 -16.41 19.33
C ARG B 97 14.60 -16.81 20.75
N GLU B 98 15.41 -17.86 20.91
CA GLU B 98 15.82 -18.27 22.25
C GLU B 98 16.62 -17.18 22.93
N GLN B 99 17.46 -16.47 22.18
CA GLN B 99 18.28 -15.43 22.79
C GLN B 99 17.42 -14.25 23.22
N ILE B 100 16.37 -13.92 22.46
CA ILE B 100 15.46 -12.85 22.90
C ILE B 100 14.86 -13.20 24.25
N LYS B 101 14.45 -14.46 24.42
CA LYS B 101 13.84 -14.88 25.68
C LYS B 101 14.84 -14.76 26.82
N ARG B 102 16.13 -15.02 26.56
CA ARG B 102 17.11 -14.86 27.62
C ARG B 102 17.41 -13.39 27.90
N VAL B 103 17.57 -12.58 26.85
CA VAL B 103 17.85 -11.16 27.03
C VAL B 103 16.73 -10.49 27.82
N LYS B 104 15.48 -10.89 27.55
CA LYS B 104 14.31 -10.31 28.18
C LYS B 104 13.88 -11.03 29.45
N ASP B 105 14.42 -12.22 29.72
CA ASP B 105 14.01 -12.99 30.90
C ASP B 105 12.51 -13.29 30.85
N SER B 106 12.00 -13.65 29.68
CA SER B 106 10.57 -13.87 29.51
C SER B 106 10.33 -14.81 28.35
N GLU B 107 9.29 -15.63 28.48
CA GLU B 107 8.86 -16.52 27.40
C GLU B 107 7.87 -15.85 26.46
N ASP B 108 7.33 -14.69 26.84
CA ASP B 108 6.29 -13.99 26.08
C ASP B 108 6.84 -12.61 25.70
N VAL B 109 7.42 -12.51 24.51
CA VAL B 109 7.97 -11.25 24.01
C VAL B 109 7.34 -11.01 22.65
N PRO B 110 6.74 -9.84 22.38
CA PRO B 110 6.21 -9.56 21.04
C PRO B 110 7.31 -9.65 19.99
N MET B 111 7.02 -10.42 18.93
CA MET B 111 7.99 -10.70 17.89
C MET B 111 7.24 -10.83 16.57
N VAL B 112 7.94 -10.48 15.48
CA VAL B 112 7.45 -10.67 14.13
C VAL B 112 8.57 -11.31 13.34
N LEU B 113 8.25 -12.35 12.58
CA LEU B 113 9.24 -13.00 11.73
C LEU B 113 9.26 -12.30 10.39
N VAL B 114 10.44 -11.87 9.96
CA VAL B 114 10.60 -11.07 8.77
C VAL B 114 11.52 -11.79 7.80
N GLY B 115 11.03 -12.04 6.60
CA GLY B 115 11.83 -12.59 5.52
C GLY B 115 12.19 -11.49 4.55
N ASN B 116 13.42 -11.01 4.61
CA ASN B 116 13.86 -9.85 3.83
C ASN B 116 14.50 -10.29 2.51
N LYS B 117 14.72 -9.30 1.63
CA LYS B 117 15.30 -9.46 0.29
C LYS B 117 14.35 -10.20 -0.65
N SER B 118 13.05 -9.95 -0.49
CA SER B 118 12.05 -10.61 -1.31
C SER B 118 12.13 -10.19 -2.78
N ASP B 119 12.86 -9.12 -3.07
CA ASP B 119 13.07 -8.68 -4.45
C ASP B 119 14.02 -9.60 -5.20
N LEU B 120 14.79 -10.41 -4.48
CA LEU B 120 15.81 -11.21 -5.15
C LEU B 120 15.18 -12.47 -5.75
N PRO B 121 15.66 -12.90 -6.92
CA PRO B 121 15.07 -14.09 -7.56
C PRO B 121 15.59 -15.42 -7.02
N SER B 122 16.63 -15.43 -6.19
CA SER B 122 17.24 -16.70 -5.79
C SER B 122 16.69 -17.16 -4.45
N ARG B 123 15.37 -17.32 -4.41
CA ARG B 123 14.70 -17.69 -3.16
C ARG B 123 15.03 -19.13 -2.79
N THR B 124 15.49 -19.33 -1.56
CA THR B 124 15.65 -20.68 -1.07
C THR B 124 14.84 -20.99 0.18
N VAL B 125 14.21 -19.99 0.80
CA VAL B 125 13.29 -20.24 1.90
C VAL B 125 11.88 -20.05 1.36
N ASP B 126 11.10 -21.13 1.35
CA ASP B 126 9.74 -21.06 0.83
C ASP B 126 8.82 -20.35 1.82
N THR B 127 7.86 -19.59 1.29
CA THR B 127 6.91 -18.92 2.17
C THR B 127 6.26 -19.92 3.13
N LYS B 128 5.99 -21.14 2.65
CA LYS B 128 5.35 -22.12 3.52
C LYS B 128 6.26 -22.58 4.65
N GLN B 129 7.57 -22.61 4.42
CA GLN B 129 8.49 -22.98 5.49
C GLN B 129 8.55 -21.90 6.55
N ALA B 130 8.59 -20.64 6.12
CA ALA B 130 8.56 -19.54 7.07
C ALA B 130 7.24 -19.47 7.80
N GLN B 131 6.13 -19.72 7.10
CA GLN B 131 4.84 -19.73 7.79
C GLN B 131 4.80 -20.82 8.85
N ASP B 132 5.33 -22.01 8.52
CA ASP B 132 5.41 -23.08 9.50
C ASP B 132 6.15 -22.63 10.76
N LEU B 133 7.30 -22.00 10.59
CA LEU B 133 8.09 -21.56 11.73
C LEU B 133 7.33 -20.51 12.53
N ALA B 134 6.77 -19.52 11.84
CA ALA B 134 6.02 -18.46 12.52
C ALA B 134 4.83 -19.02 13.27
N ARG B 135 4.17 -20.02 12.69
CA ARG B 135 3.01 -20.63 13.35
C ARG B 135 3.43 -21.34 14.63
N SER B 136 4.58 -22.02 14.62
CA SER B 136 5.06 -22.70 15.82
C SER B 136 5.32 -21.71 16.94
N TYR B 137 5.87 -20.54 16.61
CA TYR B 137 6.11 -19.49 17.59
C TYR B 137 4.87 -18.70 17.93
N GLY B 138 3.82 -18.82 17.12
CA GLY B 138 2.61 -18.04 17.33
C GLY B 138 2.78 -16.57 17.00
N ILE B 139 3.55 -16.27 15.96
CA ILE B 139 3.84 -14.88 15.61
C ILE B 139 3.56 -14.68 14.13
N PRO B 140 3.35 -13.44 13.71
CA PRO B 140 3.15 -13.16 12.28
C PRO B 140 4.43 -13.33 11.49
N PHE B 141 4.27 -13.68 10.22
CA PHE B 141 5.36 -13.71 9.25
C PHE B 141 5.07 -12.71 8.13
N ILE B 142 6.06 -11.89 7.81
CA ILE B 142 5.93 -10.86 6.77
C ILE B 142 7.19 -10.87 5.92
N GLU B 143 7.02 -10.82 4.60
CA GLU B 143 8.15 -10.70 3.69
C GLU B 143 8.38 -9.25 3.35
N THR B 144 9.64 -8.86 3.29
CA THR B 144 10.00 -7.48 3.05
C THR B 144 11.06 -7.41 1.97
N SER B 145 11.16 -6.23 1.35
CA SER B 145 12.35 -5.85 0.60
C SER B 145 12.78 -4.47 1.07
N ALA B 146 13.94 -4.38 1.73
CA ALA B 146 14.45 -3.06 2.06
C ALA B 146 14.82 -2.28 0.82
N LYS B 147 15.10 -2.97 -0.28
CA LYS B 147 15.47 -2.30 -1.51
C LYS B 147 14.26 -1.60 -2.14
N THR B 148 13.15 -2.33 -2.28
CA THR B 148 11.97 -1.79 -2.96
C THR B 148 10.95 -1.19 -2.01
N ARG B 149 11.13 -1.36 -0.70
CA ARG B 149 10.24 -0.93 0.38
C ARG B 149 9.06 -1.85 0.57
N GLN B 150 8.88 -2.86 -0.29
CA GLN B 150 7.73 -3.74 -0.13
C GLN B 150 7.73 -4.35 1.26
N GLY B 151 6.63 -4.17 1.98
CA GLY B 151 6.44 -4.82 3.25
C GLY B 151 7.16 -4.20 4.42
N VAL B 152 7.95 -3.15 4.21
CA VAL B 152 8.79 -2.61 5.28
C VAL B 152 7.93 -1.97 6.36
N ASP B 153 7.08 -1.01 5.97
CA ASP B 153 6.19 -0.41 6.96
C ASP B 153 5.31 -1.46 7.60
N ASP B 154 4.78 -2.38 6.79
CA ASP B 154 3.96 -3.47 7.30
C ASP B 154 4.67 -4.26 8.40
N ALA B 155 5.95 -4.56 8.22
CA ALA B 155 6.67 -5.34 9.23
C ALA B 155 6.75 -4.59 10.55
N PHE B 156 7.17 -3.33 10.51
CA PHE B 156 7.32 -2.59 11.75
C PHE B 156 5.97 -2.24 12.36
N TYR B 157 5.00 -1.85 11.52
CA TYR B 157 3.68 -1.55 12.08
C TYR B 157 3.03 -2.80 12.65
N THR B 158 3.26 -3.97 12.06
CA THR B 158 2.72 -5.20 12.63
C THR B 158 3.34 -5.49 13.98
N LEU B 159 4.64 -5.23 14.12
CA LEU B 159 5.29 -5.39 15.41
C LEU B 159 4.68 -4.45 16.44
N VAL B 160 4.43 -3.19 16.07
CA VAL B 160 3.74 -2.27 16.98
C VAL B 160 2.40 -2.86 17.40
N ARG B 161 1.65 -3.40 16.43
CA ARG B 161 0.35 -3.96 16.77
C ARG B 161 0.49 -5.19 17.66
N GLU B 162 1.55 -5.99 17.49
CA GLU B 162 1.80 -7.11 18.39
C GLU B 162 2.10 -6.62 19.81
N ILE B 163 2.84 -5.51 19.94
CA ILE B 163 3.14 -4.97 21.26
C ILE B 163 1.86 -4.51 21.95
N ARG B 164 0.98 -3.86 21.18
CA ARG B 164 -0.29 -3.40 21.74
C ARG B 164 -1.17 -4.56 22.16
N LYS B 165 -1.10 -5.67 21.44
CA LYS B 165 -1.89 -6.85 21.77
C LYS B 165 -1.40 -7.52 23.04
N HIS B 166 -0.13 -7.29 23.38
CA HIS B 166 0.51 -7.92 24.52
C HIS B 166 0.26 -7.17 25.82
N LYS B 167 0.18 -5.83 25.74
CA LYS B 167 0.03 -5.02 26.95
C LYS B 167 -0.51 -3.65 26.57
N GLU B 168 -1.11 -2.98 27.55
CA GLU B 168 -1.60 -1.63 27.36
C GLU B 168 -0.46 -0.67 27.01
N MET C 1 2.64 -4.43 -10.32
CA MET C 1 1.63 -3.50 -10.83
C MET C 1 2.10 -2.87 -12.14
N THR C 2 1.18 -2.76 -13.10
CA THR C 2 1.50 -2.21 -14.40
C THR C 2 1.91 -0.73 -14.29
N GLU C 3 3.06 -0.40 -14.84
CA GLU C 3 3.55 0.97 -14.87
C GLU C 3 3.39 1.53 -16.28
N TYR C 4 3.11 2.83 -16.35
CA TYR C 4 3.05 3.53 -17.61
C TYR C 4 3.98 4.73 -17.53
N LYS C 5 4.89 4.82 -18.49
CA LYS C 5 5.84 5.92 -18.55
C LYS C 5 5.28 6.96 -19.51
N LEU C 6 4.80 8.07 -18.96
CA LEU C 6 4.17 9.12 -19.72
C LEU C 6 5.07 10.33 -19.78
N VAL C 7 4.93 11.11 -20.85
CA VAL C 7 5.71 12.31 -21.05
C VAL C 7 4.76 13.43 -21.43
N VAL C 8 4.88 14.58 -20.76
CA VAL C 8 4.01 15.73 -21.02
C VAL C 8 4.83 16.78 -21.76
N VAL C 9 4.35 17.18 -22.95
CA VAL C 9 5.09 18.13 -23.78
C VAL C 9 4.15 19.22 -24.28
N GLY C 10 4.75 20.28 -24.78
CA GLY C 10 4.02 21.40 -25.32
C GLY C 10 4.77 22.70 -25.10
N ALA C 11 4.24 23.76 -25.71
CA ALA C 11 4.94 25.03 -25.74
C ALA C 11 5.02 25.65 -24.34
N ASP C 12 5.85 26.70 -24.24
CA ASP C 12 6.08 27.33 -22.94
C ASP C 12 4.77 27.79 -22.34
N GLY C 13 4.57 27.46 -21.06
CA GLY C 13 3.51 28.08 -20.28
C GLY C 13 2.12 27.53 -20.51
N VAL C 14 1.96 26.42 -21.23
CA VAL C 14 0.60 25.96 -21.50
C VAL C 14 -0.03 25.23 -20.33
N GLY C 15 0.75 24.92 -19.29
CA GLY C 15 0.26 24.24 -18.12
C GLY C 15 0.72 22.80 -17.95
N LYS C 16 1.85 22.42 -18.57
CA LYS C 16 2.37 21.07 -18.44
C LYS C 16 2.59 20.71 -16.98
N SER C 17 3.28 21.56 -16.24
CA SER C 17 3.57 21.28 -14.84
C SER C 17 2.31 21.34 -14.00
N ALA C 18 1.44 22.30 -14.28
CA ALA C 18 0.18 22.40 -13.54
C ALA C 18 -0.68 21.15 -13.74
N LEU C 19 -0.72 20.63 -14.96
CA LEU C 19 -1.46 19.40 -15.23
C LEU C 19 -0.84 18.21 -14.50
N THR C 20 0.49 18.14 -14.50
CA THR C 20 1.16 17.02 -13.84
C THR C 20 0.89 17.05 -12.34
N ILE C 21 0.95 18.23 -11.74
CA ILE C 21 0.67 18.35 -10.31
C ILE C 21 -0.77 17.97 -10.02
N GLN C 22 -1.70 18.34 -10.90
CA GLN C 22 -3.08 17.96 -10.66
C GLN C 22 -3.28 16.45 -10.78
N LEU C 23 -2.44 15.77 -11.57
CA LEU C 23 -2.56 14.32 -11.65
C LEU C 23 -2.19 13.68 -10.32
N ILE C 24 -1.10 14.13 -9.68
CA ILE C 24 -0.68 13.49 -8.44
C ILE C 24 -1.68 13.78 -7.34
N GLN C 25 -2.56 14.76 -7.53
CA GLN C 25 -3.68 15.06 -6.65
C GLN C 25 -4.87 14.11 -6.85
N ASN C 26 -4.72 13.14 -7.76
CA ASN C 26 -5.75 12.12 -7.98
C ASN C 26 -6.17 11.48 -6.65
N HIS C 27 -7.47 11.20 -6.54
CA HIS C 27 -8.15 10.79 -5.31
C HIS C 27 -7.90 9.35 -4.91
N PHE C 28 -7.34 8.51 -5.80
CA PHE C 28 -7.37 7.07 -5.58
C PHE C 28 -6.65 6.66 -4.30
N VAL C 29 -5.43 7.17 -4.10
CA VAL C 29 -4.65 6.84 -2.91
C VAL C 29 -3.92 8.08 -2.44
N ASP C 30 -3.79 8.23 -1.12
CA ASP C 30 -3.01 9.31 -0.53
C ASP C 30 -1.60 8.82 -0.21
N GLU C 31 -0.93 8.36 -1.26
CA GLU C 31 0.44 7.87 -1.19
C GLU C 31 1.22 8.58 -2.29
N TYR C 32 2.26 9.32 -1.91
CA TYR C 32 3.04 10.01 -2.93
C TYR C 32 4.44 10.26 -2.40
N ASP C 33 5.43 9.93 -3.20
CA ASP C 33 6.83 10.08 -2.84
C ASP C 33 7.41 11.26 -3.59
N PRO C 34 7.66 12.40 -2.93
CA PRO C 34 8.11 13.60 -3.63
C PRO C 34 9.59 13.55 -4.02
N SER C 39 10.33 13.59 -12.58
CA SER C 39 9.58 12.32 -12.64
C SER C 39 8.59 12.18 -11.49
N TYR C 40 7.31 12.21 -11.82
CA TYR C 40 6.22 12.25 -10.85
C TYR C 40 5.45 10.94 -10.92
N ARG C 41 5.42 10.20 -9.82
CA ARG C 41 4.82 8.87 -9.82
C ARG C 41 3.59 8.86 -8.93
N LYS C 42 2.46 8.38 -9.48
CA LYS C 42 1.22 8.26 -8.70
C LYS C 42 0.48 7.01 -9.12
N GLN C 43 0.04 6.21 -8.15
CA GLN C 43 -0.86 5.11 -8.43
C GLN C 43 -2.28 5.62 -8.63
N VAL C 44 -2.92 5.17 -9.70
CA VAL C 44 -4.29 5.55 -10.03
C VAL C 44 -5.03 4.28 -10.43
N VAL C 45 -6.33 4.42 -10.63
CA VAL C 45 -7.15 3.33 -11.14
C VAL C 45 -7.78 3.78 -12.46
N ILE C 46 -7.65 2.95 -13.49
CA ILE C 46 -8.18 3.23 -14.82
C ILE C 46 -8.94 1.99 -15.28
N ASP C 47 -10.23 2.14 -15.55
CA ASP C 47 -11.08 1.03 -15.96
C ASP C 47 -10.96 -0.14 -14.97
N GLY C 48 -10.94 0.18 -13.68
CA GLY C 48 -10.89 -0.81 -12.63
C GLY C 48 -9.53 -1.41 -12.35
N GLU C 49 -8.53 -1.12 -13.17
CA GLU C 49 -7.19 -1.68 -13.04
C GLU C 49 -6.24 -0.65 -12.43
N THR C 50 -5.54 -1.03 -11.36
CA THR C 50 -4.57 -0.13 -10.76
C THR C 50 -3.34 0.00 -11.65
N SER C 51 -2.85 1.22 -11.76
CA SER C 51 -1.75 1.52 -12.66
C SER C 51 -0.86 2.53 -11.96
N LEU C 52 0.45 2.35 -12.10
CA LEU C 52 1.41 3.34 -11.64
C LEU C 52 1.75 4.25 -12.82
N LEU C 53 1.43 5.52 -12.72
CA LEU C 53 1.79 6.48 -13.76
C LEU C 53 3.09 7.15 -13.36
N ASP C 54 4.08 7.08 -14.24
CA ASP C 54 5.35 7.78 -14.10
C ASP C 54 5.34 8.85 -15.16
N ILE C 55 5.32 10.11 -14.75
CA ILE C 55 5.08 11.22 -15.67
C ILE C 55 6.32 12.09 -15.69
N LEU C 56 6.89 12.26 -16.89
CA LEU C 56 7.99 13.19 -17.07
C LEU C 56 7.41 14.51 -17.56
N ASP C 57 7.65 15.56 -16.82
CA ASP C 57 7.12 16.89 -17.11
C ASP C 57 8.24 17.69 -17.78
N THR C 58 8.13 17.87 -19.11
CA THR C 58 9.23 18.44 -19.89
C THR C 58 9.11 19.95 -19.98
N ALA C 59 10.20 20.58 -20.44
CA ALA C 59 10.17 22.00 -20.74
C ALA C 59 11.14 22.26 -21.88
N GLY C 60 11.06 23.47 -22.42
CA GLY C 60 11.89 23.84 -23.55
C GLY C 60 13.24 24.43 -23.19
N GLN C 61 13.46 24.73 -21.91
CA GLN C 61 14.72 25.27 -21.43
C GLN C 61 15.20 24.39 -20.29
N GLU C 62 16.40 23.83 -20.43
CA GLU C 62 16.92 22.86 -19.47
C GLU C 62 18.37 22.55 -19.82
N GLU C 63 19.19 22.26 -18.82
CA GLU C 63 20.52 21.76 -19.10
C GLU C 63 20.45 20.26 -19.42
N TYR C 64 21.59 19.66 -19.67
CA TYR C 64 21.62 18.28 -20.16
C TYR C 64 21.38 17.30 -19.02
N SER C 65 20.50 16.33 -19.25
CA SER C 65 20.34 15.20 -18.35
C SER C 65 20.25 13.94 -19.21
N ALA C 66 21.24 13.06 -19.10
CA ALA C 66 21.18 11.79 -19.81
C ALA C 66 19.96 10.99 -19.38
N MET C 67 19.65 11.02 -18.07
CA MET C 67 18.50 10.31 -17.53
C MET C 67 17.21 10.76 -18.20
N ARG C 68 16.99 12.07 -18.27
CA ARG C 68 15.75 12.57 -18.85
C ARG C 68 15.68 12.28 -20.34
N ASP C 69 16.82 12.37 -21.04
CA ASP C 69 16.83 11.98 -22.45
C ASP C 69 16.46 10.52 -22.62
N GLN C 70 16.95 9.65 -21.74
CA GLN C 70 16.64 8.23 -21.86
C GLN C 70 15.18 7.98 -21.50
N TYR C 71 14.67 8.69 -20.50
CA TYR C 71 13.26 8.53 -20.17
C TYR C 71 12.38 8.94 -21.34
N MET C 72 12.69 10.06 -22.00
CA MET C 72 11.92 10.46 -23.18
C MET C 72 12.01 9.41 -24.28
N ARG C 73 13.22 8.90 -24.54
CA ARG C 73 13.40 7.90 -25.58
C ARG C 73 12.55 6.66 -25.32
N THR C 74 12.34 6.31 -24.06
CA THR C 74 11.57 5.13 -23.72
C THR C 74 10.14 5.45 -23.27
N GLY C 75 9.71 6.70 -23.41
CA GLY C 75 8.36 7.05 -23.02
C GLY C 75 7.34 6.26 -23.79
N GLU C 76 6.30 5.81 -23.09
CA GLU C 76 5.29 4.99 -23.72
C GLU C 76 4.12 5.79 -24.29
N GLY C 77 3.87 6.98 -23.77
CA GLY C 77 2.80 7.80 -24.30
C GLY C 77 3.08 9.25 -23.99
N PHE C 78 2.57 10.13 -24.83
CA PHE C 78 2.86 11.55 -24.74
C PHE C 78 1.56 12.35 -24.67
N LEU C 79 1.49 13.30 -23.74
CA LEU C 79 0.43 14.30 -23.74
C LEU C 79 0.97 15.52 -24.47
N LEU C 80 0.28 15.92 -25.53
CA LEU C 80 0.61 17.09 -26.32
C LEU C 80 -0.30 18.23 -25.87
N VAL C 81 0.25 19.17 -25.12
CA VAL C 81 -0.55 20.18 -24.44
C VAL C 81 -0.42 21.50 -25.18
N PHE C 82 -1.55 22.14 -25.45
CA PHE C 82 -1.59 23.55 -25.81
C PHE C 82 -2.59 24.21 -24.88
N ALA C 83 -2.65 25.54 -24.93
CA ALA C 83 -3.59 26.31 -24.12
C ALA C 83 -4.60 26.98 -25.04
N ILE C 84 -5.88 26.93 -24.65
CA ILE C 84 -6.92 27.42 -25.55
C ILE C 84 -6.94 28.93 -25.70
N ASN C 85 -6.22 29.66 -24.86
CA ASN C 85 -6.04 31.09 -24.95
C ASN C 85 -4.67 31.46 -25.53
N ASN C 86 -4.02 30.53 -26.22
CA ASN C 86 -2.65 30.73 -26.71
C ASN C 86 -2.58 30.14 -28.10
N THR C 87 -2.90 30.97 -29.11
CA THR C 87 -2.96 30.47 -30.47
C THR C 87 -1.60 29.96 -30.92
N LYS C 88 -0.54 30.61 -30.46
CA LYS C 88 0.79 30.16 -30.82
C LYS C 88 1.05 28.75 -30.32
N SER C 89 0.56 28.42 -29.12
CA SER C 89 0.80 27.06 -28.62
C SER C 89 0.06 26.02 -29.43
N PHE C 90 -1.08 26.38 -30.02
CA PHE C 90 -1.78 25.48 -30.93
C PHE C 90 -1.05 25.37 -32.26
N GLU C 91 -0.59 26.51 -32.81
CA GLU C 91 0.22 26.50 -34.03
C GLU C 91 1.44 25.60 -33.89
N ASP C 92 2.01 25.53 -32.69
CA ASP C 92 3.25 24.79 -32.44
C ASP C 92 3.01 23.29 -32.27
N ILE C 93 1.75 22.86 -32.21
CA ILE C 93 1.46 21.46 -31.91
C ILE C 93 2.12 20.54 -32.93
N HIS C 94 2.11 20.92 -34.21
CA HIS C 94 2.69 20.04 -35.21
C HIS C 94 4.17 19.83 -35.00
N HIS C 95 4.88 20.85 -34.54
CA HIS C 95 6.29 20.66 -34.16
C HIS C 95 6.42 19.56 -33.13
N TYR C 96 5.59 19.60 -32.09
CA TYR C 96 5.69 18.60 -31.02
C TYR C 96 5.34 17.22 -31.51
N ARG C 97 4.31 17.11 -32.35
CA ARG C 97 3.94 15.80 -32.87
C ARG C 97 5.08 15.18 -33.66
N GLU C 98 5.68 15.97 -34.56
CA GLU C 98 6.79 15.43 -35.33
C GLU C 98 8.01 15.14 -34.46
N GLN C 99 8.21 15.94 -33.42
CA GLN C 99 9.38 15.73 -32.57
C GLN C 99 9.21 14.49 -31.71
N ILE C 100 7.98 14.20 -31.26
CA ILE C 100 7.74 12.95 -30.56
C ILE C 100 8.16 11.77 -31.42
N LYS C 101 7.79 11.81 -32.70
CA LYS C 101 8.17 10.74 -33.62
C LYS C 101 9.69 10.62 -33.73
N ARG C 102 10.39 11.74 -33.78
CA ARG C 102 11.85 11.69 -33.86
C ARG C 102 12.44 11.10 -32.58
N VAL C 103 11.98 11.58 -31.43
CA VAL C 103 12.53 11.12 -30.17
C VAL C 103 12.30 9.62 -29.99
N LYS C 104 11.14 9.14 -30.44
CA LYS C 104 10.81 7.72 -30.35
C LYS C 104 11.29 6.91 -31.55
N ASP C 105 11.80 7.57 -32.59
CA ASP C 105 12.24 6.89 -33.80
C ASP C 105 11.16 5.94 -34.34
N SER C 106 9.92 6.43 -34.36
CA SER C 106 8.80 5.63 -34.85
C SER C 106 7.67 6.54 -35.29
N GLU C 107 6.87 6.04 -36.24
CA GLU C 107 5.76 6.82 -36.77
C GLU C 107 4.48 6.67 -35.95
N ASP C 108 4.39 5.65 -35.10
CA ASP C 108 3.19 5.37 -34.31
C ASP C 108 3.56 5.40 -32.83
N VAL C 109 3.23 6.51 -32.17
CA VAL C 109 3.47 6.70 -30.75
C VAL C 109 2.14 7.05 -30.11
N PRO C 110 1.72 6.38 -29.04
CA PRO C 110 0.50 6.80 -28.33
C PRO C 110 0.59 8.25 -27.90
N MET C 111 -0.43 9.01 -28.23
CA MET C 111 -0.43 10.40 -27.78
C MET C 111 -1.86 10.92 -27.72
N VAL C 112 -2.02 11.95 -26.89
CA VAL C 112 -3.31 12.60 -26.73
C VAL C 112 -3.09 14.10 -26.84
N LEU C 113 -3.97 14.75 -27.59
CA LEU C 113 -3.97 16.20 -27.68
C LEU C 113 -4.77 16.78 -26.52
N VAL C 114 -4.17 17.73 -25.80
CA VAL C 114 -4.78 18.30 -24.61
C VAL C 114 -4.92 19.80 -24.82
N GLY C 115 -6.15 20.30 -24.75
CA GLY C 115 -6.38 21.74 -24.76
C GLY C 115 -6.61 22.23 -23.35
N ASN C 116 -5.57 22.82 -22.74
CA ASN C 116 -5.62 23.21 -21.34
C ASN C 116 -6.11 24.65 -21.19
N LYS C 117 -6.35 25.04 -19.95
CA LYS C 117 -6.86 26.37 -19.59
C LYS C 117 -8.29 26.57 -20.08
N SER C 118 -9.07 25.49 -20.10
CA SER C 118 -10.45 25.54 -20.57
C SER C 118 -11.34 26.36 -19.65
N ASP C 119 -10.84 26.71 -18.46
CA ASP C 119 -11.58 27.61 -17.57
C ASP C 119 -11.59 29.05 -18.07
N LEU C 120 -10.67 29.41 -18.94
CA LEU C 120 -10.48 30.81 -19.30
C LEU C 120 -11.46 31.23 -20.39
N PRO C 121 -12.02 32.44 -20.29
CA PRO C 121 -12.94 32.93 -21.33
C PRO C 121 -12.27 33.58 -22.52
N SER C 122 -10.97 33.87 -22.44
CA SER C 122 -10.21 34.54 -23.49
C SER C 122 -9.77 33.53 -24.54
N ARG C 123 -10.71 32.76 -25.06
CA ARG C 123 -10.40 31.67 -25.96
C ARG C 123 -10.06 32.18 -27.37
N THR C 124 -8.97 31.66 -27.94
CA THR C 124 -8.66 31.93 -29.34
C THR C 124 -8.50 30.66 -30.15
N VAL C 125 -8.55 29.49 -29.52
CA VAL C 125 -8.54 28.22 -30.24
C VAL C 125 -9.89 27.56 -30.03
N ASP C 126 -10.62 27.40 -31.13
CA ASP C 126 -11.95 26.81 -31.08
C ASP C 126 -11.85 25.32 -30.84
N THR C 127 -12.81 24.78 -30.08
CA THR C 127 -12.87 23.33 -29.91
C THR C 127 -12.89 22.62 -31.27
N LYS C 128 -13.55 23.21 -32.27
CA LYS C 128 -13.62 22.58 -33.58
C LYS C 128 -12.22 22.49 -34.22
N GLN C 129 -11.42 23.55 -34.10
CA GLN C 129 -10.06 23.51 -34.65
C GLN C 129 -9.25 22.39 -34.04
N ALA C 130 -9.33 22.26 -32.71
CA ALA C 130 -8.50 21.25 -32.05
C ALA C 130 -9.03 19.85 -32.36
N GLN C 131 -10.35 19.70 -32.39
CA GLN C 131 -10.96 18.43 -32.76
C GLN C 131 -10.54 18.02 -34.17
N ASP C 132 -10.55 18.97 -35.10
CA ASP C 132 -10.13 18.67 -36.47
C ASP C 132 -8.66 18.28 -36.52
N LEU C 133 -7.81 18.99 -35.79
CA LEU C 133 -6.39 18.64 -35.75
C LEU C 133 -6.20 17.23 -35.18
N ALA C 134 -6.82 16.94 -34.03
CA ALA C 134 -6.67 15.61 -33.45
C ALA C 134 -7.18 14.54 -34.38
N ARG C 135 -8.28 14.82 -35.09
CA ARG C 135 -8.84 13.86 -36.02
C ARG C 135 -7.88 13.59 -37.17
N SER C 136 -7.18 14.64 -37.63
CA SER C 136 -6.19 14.45 -38.69
C SER C 136 -5.02 13.59 -38.24
N TYR C 137 -4.66 13.65 -36.95
CA TYR C 137 -3.63 12.78 -36.40
C TYR C 137 -4.14 11.41 -36.00
N GLY C 138 -5.46 11.23 -35.90
CA GLY C 138 -5.99 9.99 -35.38
C GLY C 138 -5.72 9.79 -33.90
N ILE C 139 -5.78 10.87 -33.12
CA ILE C 139 -5.52 10.78 -31.68
C ILE C 139 -6.68 11.44 -30.95
N PRO C 140 -6.87 11.11 -29.66
CA PRO C 140 -7.92 11.75 -28.89
C PRO C 140 -7.60 13.21 -28.58
N PHE C 141 -8.66 13.98 -28.37
CA PHE C 141 -8.55 15.35 -27.90
C PHE C 141 -9.34 15.49 -26.61
N ILE C 142 -8.71 16.05 -25.58
CA ILE C 142 -9.31 16.23 -24.25
C ILE C 142 -9.13 17.67 -23.83
N GLU C 143 -10.22 18.30 -23.39
CA GLU C 143 -10.16 19.66 -22.85
C GLU C 143 -9.95 19.59 -21.35
N THR C 144 -8.97 20.34 -20.85
CA THR C 144 -8.62 20.28 -19.44
C THR C 144 -8.54 21.70 -18.88
N SER C 145 -8.66 21.78 -17.56
CA SER C 145 -8.22 22.95 -16.82
C SER C 145 -7.47 22.44 -15.61
N ALA C 146 -6.19 22.79 -15.51
CA ALA C 146 -5.45 22.49 -14.28
C ALA C 146 -5.96 23.32 -13.13
N LYS C 147 -6.73 24.37 -13.39
CA LYS C 147 -7.23 25.19 -12.29
C LYS C 147 -8.47 24.58 -11.64
N THR C 148 -9.44 24.19 -12.45
CA THR C 148 -10.66 23.56 -11.92
C THR C 148 -10.51 22.05 -11.77
N ARG C 149 -9.52 21.45 -12.43
CA ARG C 149 -9.25 20.02 -12.55
C ARG C 149 -10.14 19.37 -13.58
N GLN C 150 -10.96 20.14 -14.31
CA GLN C 150 -11.70 19.58 -15.43
C GLN C 150 -10.77 18.80 -16.34
N GLY C 151 -11.17 17.56 -16.65
CA GLY C 151 -10.51 16.77 -17.66
C GLY C 151 -9.15 16.21 -17.32
N VAL C 152 -8.60 16.53 -16.14
CA VAL C 152 -7.22 16.15 -15.86
C VAL C 152 -7.08 14.65 -15.81
N ASP C 153 -7.89 13.99 -14.98
CA ASP C 153 -7.85 12.54 -14.94
C ASP C 153 -8.15 11.94 -16.31
N ASP C 154 -9.15 12.48 -17.01
CA ASP C 154 -9.53 11.94 -18.30
C ASP C 154 -8.38 12.03 -19.30
N ALA C 155 -7.60 13.11 -19.25
CA ALA C 155 -6.46 13.24 -20.16
C ALA C 155 -5.45 12.12 -19.94
N PHE C 156 -5.07 11.90 -18.68
CA PHE C 156 -4.07 10.87 -18.40
C PHE C 156 -4.63 9.48 -18.57
N TYR C 157 -5.91 9.28 -18.19
CA TYR C 157 -6.52 7.97 -18.39
C TYR C 157 -6.62 7.63 -19.87
N THR C 158 -7.05 8.59 -20.68
CA THR C 158 -7.13 8.37 -22.12
C THR C 158 -5.77 8.01 -22.71
N LEU C 159 -4.70 8.66 -22.25
CA LEU C 159 -3.39 8.32 -22.76
C LEU C 159 -3.02 6.88 -22.40
N VAL C 160 -3.30 6.46 -21.16
CA VAL C 160 -3.06 5.07 -20.79
C VAL C 160 -3.88 4.14 -21.68
N ARG C 161 -5.13 4.50 -21.96
CA ARG C 161 -5.93 3.66 -22.86
C ARG C 161 -5.30 3.59 -24.23
N GLU C 162 -4.73 4.69 -24.71
CA GLU C 162 -4.03 4.68 -25.99
C GLU C 162 -2.80 3.79 -25.95
N ILE C 163 -2.07 3.81 -24.83
CA ILE C 163 -0.92 2.92 -24.68
C ILE C 163 -1.36 1.47 -24.67
N ARG C 164 -2.44 1.16 -23.96
CA ARG C 164 -2.93 -0.23 -23.90
C ARG C 164 -3.31 -0.73 -25.30
N LYS C 165 -4.02 0.11 -26.07
CA LYS C 165 -4.37 -0.28 -27.43
C LYS C 165 -3.13 -0.46 -28.29
N HIS C 166 -2.09 0.34 -28.07
CA HIS C 166 -0.83 0.17 -28.80
C HIS C 166 -0.16 -1.14 -28.44
N LYS C 167 -0.18 -1.51 -27.16
CA LYS C 167 0.37 -2.77 -26.71
C LYS C 167 -0.46 -3.93 -27.26
CA GLY D 1 11.79 28.61 -33.71
C GLY D 1 11.76 27.15 -34.12
N PHE D 3 13.10 22.92 -32.51
CA PHE D 3 13.84 22.13 -31.53
C PHE D 3 15.32 22.09 -31.82
N VAL D 4 16.10 22.16 -30.76
CA VAL D 4 17.55 22.21 -30.89
C VAL D 4 18.10 20.87 -31.36
N ASN D 5 17.50 19.76 -30.97
CA ASN D 5 18.09 18.45 -31.22
C ASN D 5 16.98 17.46 -31.55
N PHE D 6 17.38 16.19 -31.66
CA PHE D 6 16.49 15.08 -31.98
C PHE D 6 16.21 14.20 -30.77
N ARG D 7 16.56 14.65 -29.57
CA ARG D 7 16.47 13.79 -28.39
C ARG D 7 15.45 14.25 -27.38
N ASN D 8 15.16 15.54 -27.32
CA ASN D 8 14.33 16.06 -26.25
C ASN D 8 13.60 17.27 -26.78
N PHE D 9 12.94 18.01 -25.90
CA PHE D 9 12.07 19.09 -26.37
C PHE D 9 12.66 20.46 -26.08
N ARG D 10 13.98 20.53 -25.92
CA ARG D 10 14.64 21.83 -25.82
C ARG D 10 14.41 22.63 -27.10
N THR D 11 14.05 23.91 -26.94
CA THR D 11 13.66 24.72 -28.09
C THR D 11 14.66 25.85 -28.31
N PHE D 12 14.60 26.43 -29.51
CA PHE D 12 15.23 27.71 -29.79
C PHE D 12 14.17 28.71 -30.24
N ARG D 13 14.41 29.99 -29.98
CA ARG D 13 13.50 31.04 -30.43
C ARG D 13 13.71 31.35 -31.92
N CYS D 14 12.61 31.66 -32.56
CA CYS D 14 12.69 32.13 -33.97
C CYS D 14 12.61 33.68 -33.93
N GLY D 15 13.50 34.42 -34.61
CA GLY D 15 13.58 35.86 -34.57
C GLY D 15 14.54 36.34 -33.51
CA GLY E 1 -31.09 -5.92 19.32
C GLY E 1 -30.40 -7.25 19.50
N PHE E 3 -28.96 -11.06 17.11
CA PHE E 3 -28.99 -11.90 15.93
C PHE E 3 -30.17 -12.86 16.00
N VAL E 4 -30.78 -13.11 14.83
CA VAL E 4 -31.98 -13.93 14.82
C VAL E 4 -31.66 -15.41 14.98
N ASN E 5 -30.46 -15.86 14.60
CA ASN E 5 -30.15 -17.28 14.64
C ASN E 5 -28.68 -17.43 15.02
N PHE E 6 -28.13 -18.62 14.78
CA PHE E 6 -26.72 -18.89 15.00
C PHE E 6 -26.04 -19.32 13.71
N ARG E 7 -26.59 -18.92 12.56
CA ARG E 7 -26.07 -19.33 11.27
C ARG E 7 -25.51 -18.21 10.44
N ASN E 8 -25.90 -16.97 10.69
CA ASN E 8 -25.46 -15.86 9.87
C ASN E 8 -25.56 -14.61 10.73
N PHE E 9 -25.43 -13.45 10.09
CA PHE E 9 -25.38 -12.19 10.82
C PHE E 9 -26.61 -11.33 10.59
N ARG E 10 -27.73 -11.96 10.23
CA ARG E 10 -28.98 -11.24 10.14
C ARG E 10 -29.40 -10.80 11.53
N THR E 11 -29.82 -9.56 11.66
CA THR E 11 -30.10 -8.97 12.95
C THR E 11 -31.60 -8.78 13.14
N PHE E 12 -31.97 -8.49 14.39
CA PHE E 12 -33.30 -8.00 14.68
C PHE E 12 -33.18 -6.76 15.54
N ARG E 13 -34.18 -5.88 15.43
CA ARG E 13 -34.21 -4.68 16.24
C ARG E 13 -34.79 -5.00 17.61
N CYS E 14 -34.21 -4.39 18.61
CA CYS E 14 -34.74 -4.55 19.99
C CYS E 14 -35.68 -3.37 20.24
N GLY E 15 -35.58 -2.32 19.44
CA GLY E 15 -36.49 -1.18 19.54
C GLY E 15 -37.69 -1.37 18.64
CA GLY F 1 28.01 -20.59 16.19
C GLY F 1 27.03 -20.48 17.34
N PHE F 3 25.70 -17.36 20.60
CA PHE F 3 25.85 -16.09 21.28
C PHE F 3 26.84 -16.20 22.42
N VAL F 4 27.52 -15.09 22.73
CA VAL F 4 28.59 -15.11 23.72
C VAL F 4 28.16 -14.55 25.07
N ASN F 5 26.93 -14.07 25.20
CA ASN F 5 26.48 -13.56 26.49
C ASN F 5 24.95 -13.67 26.52
N PHE F 6 24.36 -13.24 27.63
CA PHE F 6 22.92 -13.21 27.77
C PHE F 6 22.36 -11.80 27.78
N ARG F 7 23.08 -10.86 27.19
CA ARG F 7 22.68 -9.46 27.19
C ARG F 7 22.39 -8.90 25.81
N ASN F 8 23.03 -9.42 24.78
CA ASN F 8 22.92 -8.82 23.47
C ASN F 8 23.13 -9.92 22.44
N PHE F 9 23.32 -9.53 21.19
CA PHE F 9 23.30 -10.50 20.11
C PHE F 9 24.67 -10.65 19.48
N ARG F 10 25.71 -10.31 20.22
CA ARG F 10 27.06 -10.59 19.73
C ARG F 10 27.25 -12.08 19.58
N THR F 11 27.88 -12.49 18.48
CA THR F 11 27.97 -13.88 18.13
C THR F 11 29.42 -14.34 18.08
N PHE F 12 29.58 -15.66 18.03
CA PHE F 12 30.83 -16.28 17.63
C PHE F 12 30.56 -17.19 16.45
N ARG F 13 31.61 -17.43 15.67
CA ARG F 13 31.51 -18.33 14.50
C ARG F 13 31.69 -19.77 14.93
N CYS F 14 30.98 -20.62 14.20
CA CYS F 14 31.12 -22.07 14.40
C CYS F 14 31.72 -22.66 13.10
N GLY F 15 32.38 -21.85 12.25
CA GLY F 15 33.05 -22.31 11.05
C GLY F 15 34.04 -21.27 10.52
#